data_2WB8
#
_entry.id   2WB8
#
_cell.length_a   54.935
_cell.length_b   77.710
_cell.length_c   82.386
_cell.angle_alpha   90.00
_cell.angle_beta   90.00
_cell.angle_gamma   90.00
#
_symmetry.space_group_name_H-M   'P 21 21 21'
#
loop_
_entity.id
_entity.type
_entity.pdbx_description
1 polymer 'SERINE/THREONINE-PROTEIN KINASE HASPIN'
2 water water
#
_entity_poly.entity_id   1
_entity_poly.type   'polypeptide(L)'
_entity_poly.pdbx_seq_one_letter_code
;LGSIEISNKKASDAEKVYGECSQKGPVPFSHCLPTEKLQRCEKIGEGVFGEVFQTIADHTPVAIKIIAIEGPDLVNGSHQ
KTFEEILPEIIISKELSLLSGEVCNRTEGFIGLNSVHCVQGSYPPLLLKAWDHYNSTKGSANDRPDFFKDDQLFIVLEFE
FGGIDLEQMRTKLSSLATAKSILHQLTASLAVAEASLRFEHRDLHWGNVLLKKTSLKKLHYTLNGKSSTIPSCGLQVSII
DYTLSRLERDGIVVFCDVSMDEDLFTGDGDYQFDIYRLMKKENNNRWGEYHPYSNVLWLHYLTDKMLKQMTFKTKCNTPA
MKQIKRKIQEFHRTMLNFSSATDLLCQHSLFK
;
_entity_poly.pdbx_strand_id   A
#
# COMPACT_ATOMS: atom_id res chain seq x y z
N LEU A 1 11.64 -25.77 -28.24
CA LEU A 1 13.12 -25.70 -28.02
C LEU A 1 13.39 -24.56 -27.05
N GLY A 2 12.76 -23.41 -27.33
CA GLY A 2 12.58 -22.36 -26.36
C GLY A 2 11.25 -22.61 -25.68
N SER A 3 10.42 -23.48 -26.28
CA SER A 3 9.11 -23.84 -25.67
C SER A 3 9.35 -24.52 -24.34
N ILE A 4 10.31 -25.45 -24.32
CA ILE A 4 10.68 -26.17 -23.10
C ILE A 4 11.23 -25.23 -22.04
N GLU A 5 12.18 -24.39 -22.44
CA GLU A 5 12.81 -23.41 -21.53
C GLU A 5 11.82 -22.37 -21.02
N ILE A 6 10.82 -22.02 -21.83
CA ILE A 6 9.81 -21.03 -21.41
C ILE A 6 8.88 -21.63 -20.37
N SER A 7 8.29 -22.78 -20.64
CA SER A 7 7.30 -23.37 -19.74
C SER A 7 7.95 -23.85 -18.46
N ASN A 8 9.20 -24.30 -18.58
CA ASN A 8 10.04 -24.55 -17.42
C ASN A 8 10.30 -23.29 -16.59
N LYS A 9 10.23 -22.12 -17.23
CA LYS A 9 10.34 -20.85 -16.53
C LYS A 9 9.00 -20.40 -15.90
N LYS A 10 7.87 -20.79 -16.46
CA LYS A 10 6.54 -20.33 -15.96
C LYS A 10 6.25 -20.27 -14.42
N ALA A 11 6.80 -21.10 -13.53
CA ALA A 11 7.09 -22.52 -13.62
C ALA A 11 7.49 -23.06 -12.24
N SER A 12 8.75 -23.01 -11.77
CA SER A 12 9.64 -21.83 -11.68
C SER A 12 8.97 -20.60 -11.12
N ASP A 13 8.61 -19.62 -11.96
CA ASP A 13 7.85 -18.42 -11.50
C ASP A 13 6.62 -18.80 -10.70
N ALA A 14 5.92 -19.85 -11.10
CA ALA A 14 4.82 -20.41 -10.31
C ALA A 14 5.27 -20.97 -8.93
N GLU A 15 6.39 -21.71 -8.93
CA GLU A 15 6.95 -22.34 -7.72
CA GLU A 15 6.89 -22.34 -7.70
C GLU A 15 7.44 -21.35 -6.69
N LYS A 16 7.76 -20.14 -7.10
CA LYS A 16 8.11 -19.14 -6.11
C LYS A 16 6.89 -18.50 -5.47
N VAL A 17 5.82 -18.28 -6.23
CA VAL A 17 4.60 -17.68 -5.60
C VAL A 17 3.88 -18.56 -4.62
N TYR A 18 3.64 -19.82 -4.98
CA TYR A 18 3.68 -20.89 -4.00
C TYR A 18 5.21 -20.96 -3.90
N GLY A 19 5.83 -21.10 -2.74
CA GLY A 19 5.15 -21.10 -1.48
C GLY A 19 5.62 -19.91 -0.69
N GLU A 20 5.76 -18.76 -1.36
CA GLU A 20 5.75 -17.49 -0.68
C GLU A 20 4.33 -17.44 -0.03
N CYS A 21 3.39 -18.15 -0.67
CA CYS A 21 2.08 -18.47 -0.10
C CYS A 21 2.05 -19.78 0.74
N SER A 22 3.23 -20.37 0.95
CA SER A 22 3.34 -21.68 1.60
CA SER A 22 3.34 -21.67 1.60
C SER A 22 2.25 -22.63 1.10
N GLN A 23 2.07 -22.63 -0.21
CA GLN A 23 1.20 -23.58 -0.85
C GLN A 23 2.10 -24.50 -1.66
N LYS A 24 1.57 -25.66 -1.99
CA LYS A 24 2.11 -26.34 -3.13
C LYS A 24 0.90 -26.39 -4.05
N GLY A 25 0.73 -25.32 -4.81
CA GLY A 25 -0.34 -25.24 -5.79
C GLY A 25 -1.58 -24.45 -5.41
N PRO A 26 -2.38 -24.07 -6.42
CA PRO A 26 -3.56 -23.25 -6.22
C PRO A 26 -4.57 -23.97 -5.34
N VAL A 27 -5.21 -23.22 -4.44
CA VAL A 27 -6.32 -23.74 -3.67
C VAL A 27 -7.61 -23.11 -4.19
N PRO A 28 -8.77 -23.72 -3.89
CA PRO A 28 -10.02 -23.03 -4.25
C PRO A 28 -10.24 -21.72 -3.49
N PHE A 29 -11.17 -20.91 -3.98
CA PHE A 29 -11.61 -19.69 -3.31
C PHE A 29 -12.11 -19.97 -1.88
N SER A 30 -12.89 -21.03 -1.73
CA SER A 30 -13.51 -21.37 -0.44
C SER A 30 -12.50 -21.80 0.63
N HIS A 31 -11.27 -22.14 0.19
CA HIS A 31 -10.15 -22.32 1.13
C HIS A 31 -9.78 -21.00 1.80
N CYS A 32 -9.75 -19.93 1.02
CA CYS A 32 -9.45 -18.61 1.58
C CYS A 32 -10.69 -18.00 2.16
N LEU A 33 -11.82 -18.22 1.50
CA LEU A 33 -13.05 -17.52 1.78
C LEU A 33 -14.19 -18.52 1.93
N PRO A 34 -14.23 -19.25 3.06
CA PRO A 34 -15.40 -20.07 3.36
C PRO A 34 -16.65 -19.21 3.32
N THR A 35 -17.81 -19.86 3.35
CA THR A 35 -19.08 -19.17 3.20
C THR A 35 -19.25 -18.02 4.19
N GLU A 36 -18.99 -18.30 5.48
CA GLU A 36 -19.25 -17.28 6.50
CA GLU A 36 -19.15 -17.34 6.58
C GLU A 36 -18.44 -16.03 6.27
N LYS A 37 -17.17 -16.18 5.92
CA LYS A 37 -16.32 -15.06 5.57
C LYS A 37 -16.90 -14.35 4.38
N LEU A 38 -17.17 -15.14 3.34
CA LEU A 38 -17.70 -14.66 2.08
C LEU A 38 -19.02 -13.93 2.28
N GLN A 39 -19.77 -14.37 3.27
CA GLN A 39 -21.08 -13.80 3.53
C GLN A 39 -20.96 -12.40 4.09
N ARG A 40 -19.84 -12.15 4.76
CA ARG A 40 -19.57 -10.87 5.40
C ARG A 40 -18.83 -9.89 4.51
N CYS A 41 -18.47 -10.28 3.30
CA CYS A 41 -17.79 -9.35 2.40
C CYS A 41 -18.69 -8.20 1.99
N GLU A 42 -18.12 -7.01 1.94
CA GLU A 42 -18.72 -5.86 1.31
C GLU A 42 -17.55 -5.19 0.59
N LYS A 43 -17.73 -4.88 -0.70
CA LYS A 43 -16.64 -4.30 -1.47
C LYS A 43 -16.28 -2.96 -0.87
N ILE A 44 -15.01 -2.77 -0.53
CA ILE A 44 -14.67 -1.47 0.05
C ILE A 44 -13.80 -0.58 -0.81
N GLY A 45 -13.07 -1.20 -1.74
CA GLY A 45 -12.25 -0.40 -2.63
C GLY A 45 -12.03 -1.12 -3.94
N GLU A 46 -11.30 -0.45 -4.83
CA GLU A 46 -10.98 -1.01 -6.13
C GLU A 46 -9.78 -0.25 -6.71
N GLY A 47 -9.16 -0.83 -7.72
CA GLY A 47 -8.26 -0.10 -8.61
C GLY A 47 -8.15 -0.95 -9.85
N VAL A 48 -7.28 -0.54 -10.76
CA VAL A 48 -6.97 -1.33 -11.94
C VAL A 48 -6.46 -2.71 -11.55
N PHE A 49 -5.78 -2.80 -10.41
CA PHE A 49 -5.23 -4.06 -9.86
C PHE A 49 -6.31 -5.12 -9.60
N GLY A 50 -7.51 -4.66 -9.28
CA GLY A 50 -8.62 -5.57 -8.96
C GLY A 50 -9.48 -4.96 -7.88
N GLU A 51 -9.80 -5.77 -6.85
CA GLU A 51 -10.91 -5.47 -5.96
C GLU A 51 -10.51 -5.65 -4.53
N VAL A 52 -11.09 -4.82 -3.65
CA VAL A 52 -10.82 -4.92 -2.23
C VAL A 52 -12.14 -5.07 -1.46
N PHE A 53 -12.28 -6.20 -0.75
CA PHE A 53 -13.45 -6.48 0.07
C PHE A 53 -13.12 -6.44 1.54
N GLN A 54 -14.06 -5.98 2.35
CA GLN A 54 -13.90 -6.03 3.79
C GLN A 54 -14.75 -7.19 4.27
N THR A 55 -14.23 -7.93 5.22
CA THR A 55 -15.03 -8.95 5.89
C THR A 55 -14.55 -9.17 7.32
N ILE A 56 -14.88 -10.33 7.88
CA ILE A 56 -14.36 -10.67 9.19
C ILE A 56 -13.72 -12.08 9.29
N ALA A 57 -12.55 -12.11 9.92
CA ALA A 57 -11.84 -13.32 10.22
C ALA A 57 -11.51 -13.27 11.71
N ASP A 58 -11.89 -14.31 12.44
CA ASP A 58 -11.59 -14.43 13.85
C ASP A 58 -12.06 -13.18 14.63
N HIS A 59 -13.29 -12.78 14.37
CA HIS A 59 -13.97 -11.71 15.13
C HIS A 59 -13.39 -10.35 14.84
N THR A 60 -12.58 -10.27 13.78
CA THR A 60 -11.80 -9.09 13.47
C THR A 60 -11.96 -8.70 11.98
N PRO A 61 -12.19 -7.40 11.69
CA PRO A 61 -12.38 -6.98 10.29
C PRO A 61 -11.09 -7.12 9.54
N VAL A 62 -11.15 -7.63 8.31
CA VAL A 62 -9.99 -7.76 7.43
C VAL A 62 -10.40 -7.19 6.09
N ALA A 63 -9.41 -6.88 5.28
CA ALA A 63 -9.52 -6.32 3.94
C ALA A 63 -8.91 -7.39 3.11
N ILE A 64 -9.58 -7.79 2.03
CA ILE A 64 -9.08 -8.83 1.15
C ILE A 64 -8.96 -8.22 -0.25
N LYS A 65 -7.76 -8.31 -0.78
CA LYS A 65 -7.42 -7.70 -2.02
C LYS A 65 -7.28 -8.79 -3.02
N ILE A 66 -8.07 -8.71 -4.07
CA ILE A 66 -8.10 -9.78 -5.01
C ILE A 66 -7.55 -9.33 -6.34
N ILE A 67 -6.54 -10.06 -6.80
CA ILE A 67 -5.88 -9.69 -8.04
C ILE A 67 -5.83 -10.90 -8.93
N ALA A 68 -6.47 -10.77 -10.09
CA ALA A 68 -6.44 -11.79 -11.12
C ALA A 68 -5.04 -11.81 -11.69
N ILE A 69 -4.46 -12.99 -11.80
CA ILE A 69 -3.13 -13.15 -12.41
C ILE A 69 -3.11 -14.21 -13.49
N GLU A 70 -2.19 -14.05 -14.43
CA GLU A 70 -1.82 -15.12 -15.37
C GLU A 70 -2.80 -15.42 -16.48
N GLY A 71 -3.96 -14.75 -16.47
CA GLY A 71 -4.98 -15.01 -17.50
C GLY A 71 -4.81 -14.05 -18.65
N PRO A 72 -5.39 -14.36 -19.83
CA PRO A 72 -5.18 -13.58 -21.04
C PRO A 72 -6.12 -12.37 -21.19
N ASP A 73 -7.20 -12.30 -20.40
CA ASP A 73 -8.16 -11.21 -20.53
C ASP A 73 -7.61 -9.91 -19.95
N LEU A 74 -7.85 -8.81 -20.65
CA LEU A 74 -7.63 -7.51 -20.05
C LEU A 74 -8.62 -7.34 -18.90
N VAL A 75 -8.11 -6.83 -17.78
CA VAL A 75 -8.95 -6.55 -16.65
C VAL A 75 -8.78 -5.09 -16.34
N ASN A 76 -9.86 -4.33 -16.45
CA ASN A 76 -9.87 -2.89 -16.13
C ASN A 76 -8.91 -2.10 -17.02
N GLY A 77 -8.77 -2.53 -18.27
CA GLY A 77 -7.91 -1.89 -19.24
C GLY A 77 -6.49 -2.43 -19.27
N SER A 78 -6.08 -3.19 -18.26
CA SER A 78 -4.69 -3.65 -18.20
C SER A 78 -4.52 -5.16 -18.30
N HIS A 79 -3.32 -5.58 -18.74
CA HIS A 79 -2.92 -6.99 -18.78
C HIS A 79 -2.87 -7.54 -17.35
N GLN A 80 -3.20 -8.81 -17.17
CA GLN A 80 -2.95 -9.43 -15.86
C GLN A 80 -1.47 -9.70 -15.59
N LYS A 81 -1.12 -9.55 -14.33
CA LYS A 81 0.25 -9.73 -13.88
C LYS A 81 0.61 -11.21 -13.90
N THR A 82 1.86 -11.51 -14.24
CA THR A 82 2.34 -12.88 -14.31
C THR A 82 2.76 -13.37 -12.96
N PHE A 83 3.13 -14.65 -12.84
CA PHE A 83 3.68 -15.11 -11.56
C PHE A 83 4.90 -14.25 -11.19
N GLU A 84 5.66 -13.88 -12.21
CA GLU A 84 6.91 -13.14 -11.99
C GLU A 84 6.69 -11.70 -11.61
N GLU A 85 5.64 -11.08 -12.14
CA GLU A 85 5.38 -9.67 -11.78
C GLU A 85 4.60 -9.46 -10.50
N ILE A 86 3.93 -10.51 -10.04
CA ILE A 86 3.13 -10.40 -8.83
C ILE A 86 3.90 -10.64 -7.54
N LEU A 87 5.08 -11.23 -7.70
CA LEU A 87 5.93 -11.65 -6.58
C LEU A 87 6.34 -10.56 -5.61
N PRO A 88 6.93 -9.45 -6.12
CA PRO A 88 7.25 -8.29 -5.26
C PRO A 88 6.21 -7.81 -4.26
N GLU A 89 4.99 -7.48 -4.69
CA GLU A 89 3.95 -7.12 -3.73
C GLU A 89 3.80 -8.21 -2.70
N ILE A 90 3.70 -9.47 -3.12
CA ILE A 90 3.65 -10.57 -2.17
C ILE A 90 4.78 -10.50 -1.15
N ILE A 91 6.03 -10.52 -1.63
CA ILE A 91 7.18 -10.54 -0.74
C ILE A 91 7.24 -9.29 0.19
N ILE A 92 7.01 -8.14 -0.44
CA ILE A 92 7.05 -6.87 0.25
C ILE A 92 5.91 -6.74 1.26
N SER A 93 4.68 -7.08 0.88
CA SER A 93 3.56 -7.07 1.85
C SER A 93 3.90 -7.94 3.08
N LYS A 94 4.51 -9.08 2.83
CA LYS A 94 5.08 -9.84 3.90
C LYS A 94 6.16 -9.15 4.74
N GLU A 95 7.18 -8.56 4.13
CA GLU A 95 8.30 -8.04 4.93
C GLU A 95 7.82 -6.85 5.74
N LEU A 96 6.97 -6.03 5.14
CA LEU A 96 6.52 -4.83 5.85
C LEU A 96 5.52 -5.14 6.99
N SER A 97 4.83 -6.25 6.89
CA SER A 97 3.92 -6.62 7.98
C SER A 97 4.72 -6.99 9.24
N LEU A 98 5.85 -7.69 9.02
CA LEU A 98 6.70 -8.14 10.10
C LEU A 98 7.37 -7.03 10.90
N LEU A 99 7.42 -5.82 10.35
CA LEU A 99 8.01 -4.68 11.05
C LEU A 99 7.42 -4.39 12.42
N SER A 100 6.14 -4.72 12.61
CA SER A 100 5.43 -4.42 13.85
C SER A 100 5.93 -5.28 15.00
N GLY A 101 6.63 -6.38 14.67
CA GLY A 101 7.04 -7.37 15.66
C GLY A 101 8.56 -7.52 15.72
N GLU A 102 9.25 -6.62 15.04
CA GLU A 102 10.70 -6.58 15.04
C GLU A 102 11.19 -5.76 16.22
N VAL A 103 12.50 -5.75 16.45
CA VAL A 103 13.04 -5.19 17.66
C VAL A 103 13.69 -3.83 17.44
N CYS A 104 14.81 -3.84 16.70
CA CYS A 104 15.61 -2.64 16.47
C CYS A 104 14.88 -1.60 15.62
N ASN A 105 14.32 -2.06 14.52
CA ASN A 105 13.41 -1.24 13.72
C ASN A 105 11.99 -1.75 13.70
N ARG A 106 11.10 -0.99 14.32
CA ARG A 106 9.77 -1.41 14.62
C ARG A 106 8.78 -0.28 14.36
N THR A 107 7.68 -0.63 13.68
CA THR A 107 6.59 0.28 13.38
C THR A 107 5.32 -0.51 13.14
N GLU A 108 4.19 0.08 13.52
CA GLU A 108 2.91 -0.48 13.16
C GLU A 108 2.26 0.34 12.05
N GLY A 109 3.03 1.21 11.42
CA GLY A 109 2.51 2.11 10.37
C GLY A 109 2.27 1.53 8.99
N PHE A 110 2.62 0.26 8.78
CA PHE A 110 2.22 -0.49 7.58
C PHE A 110 1.08 -1.47 7.88
N ILE A 111 0.40 -1.94 6.87
CA ILE A 111 -0.74 -2.82 7.11
C ILE A 111 -0.24 -4.24 7.47
N GLY A 112 -0.88 -4.84 8.45
CA GLY A 112 -0.56 -6.19 8.88
C GLY A 112 -1.13 -7.13 7.84
N LEU A 113 -0.40 -8.21 7.60
CA LEU A 113 -0.87 -9.25 6.70
C LEU A 113 -1.13 -10.51 7.51
N ASN A 114 -2.34 -11.03 7.38
CA ASN A 114 -2.72 -12.28 7.98
C ASN A 114 -2.25 -13.43 7.13
N SER A 115 -2.47 -13.36 5.81
CA SER A 115 -2.05 -14.43 4.90
C SER A 115 -2.13 -13.93 3.48
N VAL A 116 -1.47 -14.68 2.59
CA VAL A 116 -1.52 -14.48 1.12
C VAL A 116 -1.69 -15.82 0.39
N HIS A 117 -2.73 -15.94 -0.42
CA HIS A 117 -2.89 -17.19 -1.14
C HIS A 117 -3.04 -17.03 -2.64
N CYS A 118 -2.61 -18.06 -3.37
CA CYS A 118 -2.93 -18.17 -4.79
C CYS A 118 -4.13 -19.10 -4.95
N VAL A 119 -5.22 -18.52 -5.43
CA VAL A 119 -6.56 -19.10 -5.42
C VAL A 119 -7.01 -19.34 -6.88
N GLN A 120 -7.84 -20.36 -7.10
CA GLN A 120 -8.20 -20.79 -8.45
C GLN A 120 -9.70 -20.96 -8.58
N GLY A 121 -10.30 -20.34 -9.60
CA GLY A 121 -11.75 -20.46 -9.82
C GLY A 121 -12.39 -19.23 -10.44
N SER A 122 -13.66 -19.34 -10.78
CA SER A 122 -14.46 -18.18 -11.15
C SER A 122 -14.71 -17.29 -9.93
N TYR A 123 -15.19 -16.07 -10.17
CA TYR A 123 -15.48 -15.14 -9.07
C TYR A 123 -16.65 -15.64 -8.23
N PRO A 124 -16.44 -15.76 -6.91
CA PRO A 124 -17.56 -16.15 -6.05
C PRO A 124 -18.76 -15.26 -6.32
N PRO A 125 -19.90 -15.89 -6.61
CA PRO A 125 -21.15 -15.17 -6.86
C PRO A 125 -21.53 -14.21 -5.75
N LEU A 126 -21.08 -14.51 -4.52
CA LEU A 126 -21.33 -13.61 -3.42
C LEU A 126 -20.48 -12.37 -3.52
N LEU A 127 -19.28 -12.50 -4.06
CA LEU A 127 -18.42 -11.34 -4.36
C LEU A 127 -18.99 -10.46 -5.49
N LEU A 128 -19.45 -11.13 -6.54
CA LEU A 128 -20.11 -10.43 -7.62
C LEU A 128 -21.32 -9.61 -7.11
N LYS A 129 -22.10 -10.19 -6.19
CA LYS A 129 -23.17 -9.45 -5.52
C LYS A 129 -22.61 -8.22 -4.78
N ALA A 130 -21.57 -8.45 -3.98
CA ALA A 130 -20.91 -7.35 -3.27
C ALA A 130 -20.37 -6.32 -4.26
N TRP A 131 -19.78 -6.79 -5.37
CA TRP A 131 -19.33 -5.91 -6.47
C TRP A 131 -20.49 -5.06 -6.99
N ASP A 132 -21.66 -5.71 -7.11
CA ASP A 132 -22.83 -5.03 -7.64
C ASP A 132 -23.31 -3.92 -6.71
N HIS A 133 -23.31 -4.19 -5.42
CA HIS A 133 -23.80 -3.20 -4.47
C HIS A 133 -23.04 -1.89 -4.57
N TYR A 134 -21.72 -1.98 -4.43
CA TYR A 134 -20.81 -0.84 -4.48
C TYR A 134 -21.03 -0.02 -5.75
N ASN A 135 -21.15 -0.72 -6.89
CA ASN A 135 -21.41 -0.14 -8.19
C ASN A 135 -22.70 0.68 -8.21
N SER A 136 -23.66 0.26 -7.40
CA SER A 136 -24.94 0.95 -7.35
C SER A 136 -24.87 2.20 -6.47
N THR A 137 -23.89 2.24 -5.57
CA THR A 137 -23.88 3.22 -4.48
C THR A 137 -22.69 4.19 -4.50
N LYS A 138 -21.52 3.71 -4.96
CA LYS A 138 -20.35 4.57 -5.12
C LYS A 138 -19.98 4.78 -6.60
N GLY A 139 -20.29 3.77 -7.43
CA GLY A 139 -19.90 3.78 -8.84
C GLY A 139 -18.56 3.08 -8.99
N SER A 140 -18.47 2.15 -9.92
CA SER A 140 -17.20 1.50 -10.19
C SER A 140 -16.60 1.96 -11.53
N ALA A 141 -15.29 2.14 -11.53
CA ALA A 141 -14.51 2.36 -12.76
C ALA A 141 -14.03 1.06 -13.36
N ASN A 142 -14.45 -0.06 -12.76
CA ASN A 142 -13.92 -1.40 -13.10
C ASN A 142 -14.88 -2.23 -13.94
N ASP A 143 -14.35 -3.21 -14.68
CA ASP A 143 -15.19 -4.23 -15.28
C ASP A 143 -15.82 -5.06 -14.13
N ARG A 144 -16.99 -5.62 -14.39
CA ARG A 144 -17.58 -6.58 -13.47
C ARG A 144 -16.82 -7.89 -13.61
N PRO A 145 -16.23 -8.37 -12.52
CA PRO A 145 -15.38 -9.58 -12.58
C PRO A 145 -16.16 -10.88 -12.75
N ASP A 146 -17.01 -10.96 -13.76
CA ASP A 146 -17.86 -12.13 -14.00
C ASP A 146 -17.46 -13.03 -15.20
N PHE A 147 -16.29 -12.78 -15.79
CA PHE A 147 -15.86 -13.48 -17.01
C PHE A 147 -14.69 -14.45 -16.76
N PHE A 148 -14.34 -14.66 -15.52
CA PHE A 148 -13.21 -15.51 -15.23
C PHE A 148 -13.62 -16.98 -15.34
N LYS A 149 -12.82 -17.79 -16.00
CA LYS A 149 -13.17 -19.18 -16.13
C LYS A 149 -12.66 -19.87 -14.93
N ASP A 150 -12.99 -21.13 -14.71
CA ASP A 150 -12.70 -21.74 -13.41
C ASP A 150 -11.24 -22.24 -13.24
N ASP A 151 -10.42 -22.05 -14.28
CA ASP A 151 -8.98 -22.25 -14.15
C ASP A 151 -8.23 -20.96 -13.78
N GLN A 152 -8.99 -19.89 -13.53
CA GLN A 152 -8.45 -18.53 -13.36
C GLN A 152 -7.75 -18.41 -12.03
N LEU A 153 -6.53 -17.85 -12.07
CA LEU A 153 -5.75 -17.66 -10.83
C LEU A 153 -5.82 -16.26 -10.29
N PHE A 154 -5.94 -16.19 -8.98
CA PHE A 154 -5.93 -14.95 -8.26
C PHE A 154 -4.94 -15.02 -7.10
N ILE A 155 -4.34 -13.88 -6.78
CA ILE A 155 -3.75 -13.68 -5.48
C ILE A 155 -4.78 -12.98 -4.59
N VAL A 156 -4.98 -13.55 -3.41
CA VAL A 156 -5.81 -12.91 -2.39
C VAL A 156 -4.90 -12.56 -1.23
N LEU A 157 -4.73 -11.28 -0.99
CA LEU A 157 -4.02 -10.91 0.23
C LEU A 157 -5.01 -10.49 1.29
N GLU A 158 -4.93 -11.15 2.44
CA GLU A 158 -5.79 -10.81 3.57
C GLU A 158 -5.04 -9.95 4.60
N PHE A 159 -5.45 -8.69 4.66
CA PHE A 159 -4.80 -7.66 5.45
C PHE A 159 -5.60 -7.33 6.69
N GLU A 160 -4.97 -6.79 7.73
CA GLU A 160 -5.81 -6.19 8.77
C GLU A 160 -6.58 -5.04 8.08
N PHE A 161 -7.70 -4.60 8.65
CA PHE A 161 -8.44 -3.49 8.09
C PHE A 161 -7.81 -2.24 8.68
N GLY A 162 -7.34 -1.35 7.81
CA GLY A 162 -6.59 -0.15 8.23
C GLY A 162 -7.46 1.09 8.44
N GLY A 163 -8.73 0.99 8.08
CA GLY A 163 -9.63 2.13 8.22
C GLY A 163 -9.84 2.73 6.85
N ILE A 164 -9.96 4.04 6.78
CA ILE A 164 -10.42 4.69 5.55
C ILE A 164 -9.34 5.60 5.01
N ASP A 165 -9.25 5.71 3.70
CA ASP A 165 -8.07 6.37 3.10
C ASP A 165 -8.22 7.89 3.23
N LEU A 166 -7.08 8.57 3.16
CA LEU A 166 -6.92 10.00 3.38
C LEU A 166 -7.76 10.82 2.39
N GLU A 167 -7.77 10.41 1.13
CA GLU A 167 -8.71 10.96 0.16
C GLU A 167 -10.17 10.97 0.71
N GLN A 168 -10.67 9.85 1.18
CA GLN A 168 -12.05 9.78 1.61
C GLN A 168 -12.24 10.59 2.87
N MET A 169 -11.18 10.74 3.61
CA MET A 169 -11.15 11.52 4.85
C MET A 169 -10.85 13.01 4.58
N ARG A 170 -10.64 13.35 3.32
CA ARG A 170 -10.61 14.73 2.78
C ARG A 170 -11.28 15.83 3.66
N THR A 171 -12.49 15.54 4.13
CA THR A 171 -13.31 16.55 4.80
C THR A 171 -13.68 16.19 6.24
N LYS A 172 -13.04 15.15 6.77
CA LYS A 172 -13.35 14.64 8.12
C LYS A 172 -12.19 14.89 9.11
N LEU A 173 -11.06 15.34 8.58
CA LEU A 173 -9.91 15.67 9.40
C LEU A 173 -10.26 16.92 10.15
N SER A 174 -10.21 16.88 11.48
CA SER A 174 -10.67 18.02 12.27
C SER A 174 -9.77 19.26 12.20
N SER A 175 -8.45 19.10 12.33
CA SER A 175 -7.56 20.28 12.40
C SER A 175 -6.22 20.09 11.70
N LEU A 176 -5.44 21.16 11.65
CA LEU A 176 -4.06 21.12 11.19
C LEU A 176 -3.18 20.28 12.09
N ALA A 177 -3.57 20.12 13.36
CA ALA A 177 -2.81 19.31 14.32
C ALA A 177 -2.85 17.83 13.94
N THR A 178 -3.94 17.42 13.30
CA THR A 178 -4.11 16.06 12.84
C THR A 178 -3.26 15.80 11.61
N ALA A 179 -3.25 16.76 10.69
CA ALA A 179 -2.46 16.69 9.47
C ALA A 179 -1.01 16.45 9.86
N LYS A 180 -0.50 17.25 10.80
CA LYS A 180 0.84 17.05 11.34
C LYS A 180 1.09 15.64 11.93
N SER A 181 0.09 15.06 12.59
CA SER A 181 0.19 13.68 13.11
C SER A 181 0.40 12.69 11.96
N ILE A 182 -0.57 12.69 11.06
CA ILE A 182 -0.52 11.83 9.94
C ILE A 182 0.83 11.97 9.27
N LEU A 183 1.26 13.20 8.99
CA LEU A 183 2.57 13.40 8.36
C LEU A 183 3.74 12.83 9.22
N HIS A 184 3.65 13.08 10.52
CA HIS A 184 4.62 12.52 11.46
C HIS A 184 4.60 10.96 11.39
N GLN A 185 3.41 10.36 11.42
CA GLN A 185 3.34 8.90 11.35
C GLN A 185 3.90 8.36 10.04
N LEU A 186 3.62 9.04 8.94
CA LEU A 186 4.07 8.56 7.68
C LEU A 186 5.57 8.59 7.66
N THR A 187 6.18 9.72 7.98
CA THR A 187 7.66 9.85 7.98
C THR A 187 8.39 8.80 8.83
N ALA A 188 7.80 8.45 9.94
CA ALA A 188 8.43 7.54 10.90
C ALA A 188 8.37 6.11 10.39
N SER A 189 7.22 5.72 9.85
CA SER A 189 7.06 4.41 9.20
C SER A 189 8.05 4.26 8.08
N LEU A 190 8.09 5.26 7.21
CA LEU A 190 9.00 5.18 6.07
C LEU A 190 10.42 5.09 6.54
N ALA A 191 10.74 5.84 7.60
CA ALA A 191 12.09 5.90 8.19
C ALA A 191 12.51 4.55 8.78
N VAL A 192 11.58 3.92 9.53
CA VAL A 192 11.78 2.55 10.07
C VAL A 192 11.97 1.55 8.94
N ALA A 193 11.18 1.67 7.88
CA ALA A 193 11.32 0.76 6.75
C ALA A 193 12.62 1.02 5.97
N GLU A 194 13.05 2.27 5.89
CA GLU A 194 14.31 2.59 5.23
C GLU A 194 15.44 1.92 5.99
N ALA A 195 15.37 1.98 7.32
CA ALA A 195 16.50 1.50 8.15
C ALA A 195 16.56 -0.03 8.17
N SER A 196 15.39 -0.67 8.26
CA SER A 196 15.36 -2.15 8.26
C SER A 196 15.61 -2.79 6.88
N LEU A 197 14.95 -2.23 5.86
CA LEU A 197 14.74 -2.88 4.59
C LEU A 197 15.23 -2.14 3.34
N ARG A 198 15.82 -0.96 3.51
CA ARG A 198 16.13 -0.08 2.38
C ARG A 198 14.91 0.06 1.47
N PHE A 199 13.80 0.46 2.09
CA PHE A 199 12.47 0.45 1.44
C PHE A 199 12.17 1.78 0.82
N GLU A 200 11.56 1.73 -0.37
CA GLU A 200 10.91 2.92 -0.89
C GLU A 200 9.52 2.49 -1.27
N HIS A 201 8.53 3.29 -0.91
CA HIS A 201 7.18 2.96 -1.28
C HIS A 201 6.93 3.11 -2.77
N ARG A 202 7.26 4.29 -3.29
CA ARG A 202 7.14 4.62 -4.71
C ARG A 202 5.76 4.83 -5.29
N ASP A 203 4.72 4.84 -4.46
CA ASP A 203 3.38 5.05 -4.94
C ASP A 203 2.48 5.49 -3.80
N LEU A 204 2.94 6.45 -3.00
CA LEU A 204 2.24 6.76 -1.78
C LEU A 204 1.15 7.82 -1.98
N HIS A 205 0.31 7.61 -2.99
CA HIS A 205 -0.78 8.57 -3.25
C HIS A 205 -1.76 8.49 -2.07
N TRP A 206 -2.59 9.50 -1.88
CA TRP A 206 -3.43 9.56 -0.67
C TRP A 206 -4.51 8.51 -0.49
N GLY A 207 -4.76 7.70 -1.51
CA GLY A 207 -5.67 6.53 -1.33
C GLY A 207 -4.94 5.44 -0.55
N ASN A 208 -3.61 5.56 -0.48
CA ASN A 208 -2.75 4.52 0.12
C ASN A 208 -2.31 4.79 1.55
N VAL A 209 -2.97 5.75 2.18
CA VAL A 209 -2.73 6.14 3.52
C VAL A 209 -4.06 5.90 4.17
N LEU A 210 -4.13 4.95 5.10
CA LEU A 210 -5.40 4.63 5.80
C LEU A 210 -5.35 5.17 7.19
N LEU A 211 -6.50 5.56 7.72
CA LEU A 211 -6.59 6.18 9.03
C LEU A 211 -7.69 5.49 9.82
N LYS A 212 -7.35 5.11 11.05
CA LYS A 212 -8.30 4.49 11.96
C LYS A 212 -8.27 5.25 13.28
N LYS A 213 -9.43 5.36 13.91
CA LYS A 213 -9.52 5.94 15.22
C LYS A 213 -8.81 5.05 16.23
N THR A 214 -8.07 5.71 17.12
CA THR A 214 -7.39 5.03 18.20
C THR A 214 -7.65 5.77 19.48
N SER A 215 -7.67 5.04 20.58
CA SER A 215 -7.84 5.64 21.89
C SER A 215 -6.48 6.00 22.49
N LEU A 216 -5.40 5.58 21.82
CA LEU A 216 -4.05 5.91 22.24
C LEU A 216 -3.76 7.41 22.13
N LYS A 217 -3.09 7.91 23.17
CA LYS A 217 -2.55 9.26 23.18
C LYS A 217 -1.27 9.34 22.35
N LYS A 218 -0.43 8.29 22.49
CA LYS A 218 0.89 8.25 21.88
C LYS A 218 1.11 6.94 21.09
N LEU A 219 1.60 7.05 19.86
CA LEU A 219 1.98 5.87 19.12
C LEU A 219 3.46 5.79 19.24
N HIS A 220 4.00 4.57 19.11
CA HIS A 220 5.38 4.28 19.42
C HIS A 220 5.99 3.63 18.18
N TYR A 221 7.26 3.95 17.91
CA TYR A 221 8.04 3.28 16.91
C TYR A 221 9.45 3.13 17.43
N THR A 222 10.22 2.29 16.78
CA THR A 222 11.59 2.09 17.14
C THR A 222 12.44 2.22 15.86
N LEU A 223 13.36 3.18 15.87
CA LEU A 223 14.28 3.41 14.78
C LEU A 223 15.71 3.19 15.23
N ASN A 224 16.39 2.22 14.61
CA ASN A 224 17.73 1.83 14.97
C ASN A 224 17.96 1.71 16.48
N GLY A 225 17.05 1.01 17.16
CA GLY A 225 17.19 0.78 18.59
C GLY A 225 16.56 1.80 19.49
N LYS A 226 16.29 3.00 18.99
CA LYS A 226 15.65 4.02 19.82
C LYS A 226 14.16 4.11 19.59
N SER A 227 13.40 3.80 20.64
CA SER A 227 11.97 4.03 20.65
C SER A 227 11.68 5.50 20.85
N SER A 228 10.60 5.97 20.23
CA SER A 228 10.07 7.33 20.42
C SER A 228 8.58 7.25 20.22
N THR A 229 7.89 8.33 20.57
CA THR A 229 6.45 8.37 20.46
C THR A 229 6.00 9.51 19.58
N ILE A 230 4.78 9.40 19.07
CA ILE A 230 4.18 10.41 18.20
C ILE A 230 2.80 10.63 18.80
N PRO A 231 2.42 11.88 19.08
CA PRO A 231 1.02 12.07 19.53
C PRO A 231 0.03 11.70 18.43
N SER A 232 -0.92 10.84 18.78
CA SER A 232 -1.81 10.22 17.81
C SER A 232 -2.78 11.21 17.17
N CYS A 233 -3.10 12.27 17.92
CA CYS A 233 -4.26 13.10 17.59
C CYS A 233 -5.43 12.22 17.18
N GLY A 234 -5.42 10.98 17.66
CA GLY A 234 -6.57 10.08 17.62
C GLY A 234 -6.71 9.21 16.41
N LEU A 235 -5.66 9.17 15.58
CA LEU A 235 -5.70 8.34 14.42
C LEU A 235 -4.41 7.57 14.30
N GLN A 236 -4.54 6.33 13.85
CA GLN A 236 -3.41 5.58 13.42
C GLN A 236 -3.42 5.47 11.91
N VAL A 237 -2.30 5.85 11.34
CA VAL A 237 -2.05 5.78 9.92
C VAL A 237 -1.44 4.41 9.62
N SER A 238 -1.93 3.79 8.54
CA SER A 238 -1.37 2.56 8.00
C SER A 238 -0.97 2.87 6.55
N ILE A 239 0.23 2.51 6.14
CA ILE A 239 0.62 2.64 4.72
C ILE A 239 0.34 1.28 4.01
N ILE A 240 -0.42 1.34 2.91
CA ILE A 240 -0.72 0.14 2.15
C ILE A 240 -0.25 0.20 0.70
N ASP A 241 -0.48 -0.92 0.03
CA ASP A 241 -0.33 -1.09 -1.42
C ASP A 241 1.10 -1.00 -1.91
N TYR A 242 1.77 -2.14 -1.99
CA TYR A 242 3.20 -2.20 -2.28
C TYR A 242 3.50 -2.63 -3.70
N THR A 243 2.52 -2.35 -4.57
CA THR A 243 2.58 -2.71 -5.98
C THR A 243 3.82 -2.15 -6.72
N LEU A 244 4.30 -0.97 -6.33
CA LEU A 244 5.47 -0.34 -6.97
C LEU A 244 6.74 -0.34 -6.13
N SER A 245 6.68 -0.94 -4.94
CA SER A 245 7.73 -0.80 -3.93
C SER A 245 9.01 -1.53 -4.19
N ARG A 246 9.98 -1.19 -3.36
CA ARG A 246 11.31 -1.74 -3.49
C ARG A 246 11.86 -1.87 -2.09
N LEU A 247 12.53 -2.97 -1.82
CA LEU A 247 13.33 -3.11 -0.62
C LEU A 247 14.38 -4.19 -0.87
N GLU A 248 15.20 -4.51 0.13
CA GLU A 248 16.03 -5.76 0.14
C GLU A 248 15.64 -6.69 1.30
N ARG A 249 15.68 -8.01 1.10
CA ARG A 249 15.20 -8.95 2.14
C ARG A 249 16.29 -9.40 3.10
N ASP A 250 17.29 -10.09 2.54
CA ASP A 250 18.54 -10.30 3.22
CA ASP A 250 18.53 -10.27 3.23
C ASP A 250 19.44 -9.24 2.60
N GLY A 251 19.97 -9.56 1.43
CA GLY A 251 20.67 -8.61 0.58
C GLY A 251 20.20 -8.82 -0.85
N ILE A 252 18.94 -9.22 -1.02
CA ILE A 252 18.38 -9.38 -2.36
C ILE A 252 17.36 -8.28 -2.65
N VAL A 253 17.61 -7.48 -3.70
CA VAL A 253 16.67 -6.40 -4.03
C VAL A 253 15.38 -6.96 -4.60
N VAL A 254 14.26 -6.53 -4.03
CA VAL A 254 12.95 -6.93 -4.47
C VAL A 254 12.24 -5.66 -4.90
N PHE A 255 11.68 -5.63 -6.12
CA PHE A 255 11.04 -4.39 -6.60
C PHE A 255 10.20 -4.56 -7.88
N CYS A 256 9.39 -3.53 -8.18
CA CYS A 256 8.65 -3.46 -9.43
C CYS A 256 9.48 -2.77 -10.51
N ASP A 257 10.10 -3.56 -11.37
CA ASP A 257 10.85 -3.04 -12.54
C ASP A 257 9.89 -2.36 -13.49
N VAL A 258 9.91 -1.02 -13.48
CA VAL A 258 9.08 -0.20 -14.38
C VAL A 258 9.91 0.47 -15.48
N SER A 259 11.17 0.07 -15.56
CA SER A 259 12.13 0.54 -16.56
C SER A 259 11.67 0.48 -18.02
N MET A 260 10.54 -0.19 -18.26
CA MET A 260 10.00 -0.39 -19.61
C MET A 260 8.54 0.02 -19.68
N ASP A 261 8.05 0.62 -18.60
CA ASP A 261 6.69 1.15 -18.54
C ASP A 261 6.74 2.56 -19.15
N GLU A 262 5.64 3.02 -19.74
CA GLU A 262 5.55 4.44 -20.17
C GLU A 262 4.30 5.16 -19.65
N ASP A 263 3.18 4.45 -19.54
CA ASP A 263 1.93 5.05 -19.07
C ASP A 263 2.03 5.59 -17.64
N LEU A 264 2.98 5.04 -16.88
CA LEU A 264 3.13 5.39 -15.47
C LEU A 264 3.72 6.78 -15.38
N PHE A 265 4.53 7.12 -16.39
CA PHE A 265 5.30 8.35 -16.36
C PHE A 265 4.70 9.49 -17.19
N THR A 266 3.47 9.31 -17.67
CA THR A 266 2.80 10.29 -18.51
C THR A 266 1.38 10.64 -18.01
N GLY A 267 1.17 10.64 -16.69
CA GLY A 267 -0.11 11.05 -16.13
C GLY A 267 -0.20 12.56 -15.98
N ASP A 268 -1.43 13.06 -15.77
CA ASP A 268 -1.64 14.48 -15.53
C ASP A 268 -2.85 14.76 -14.64
N GLY A 269 -3.04 16.02 -14.27
CA GLY A 269 -4.20 16.45 -13.48
C GLY A 269 -4.08 16.19 -12.00
N ASP A 270 -2.85 15.93 -11.56
CA ASP A 270 -2.52 15.71 -10.15
C ASP A 270 -1.00 15.73 -10.01
N TYR A 271 -0.56 16.30 -8.91
CA TYR A 271 0.84 16.31 -8.54
C TYR A 271 1.38 14.86 -8.39
N GLN A 272 0.47 13.92 -8.17
CA GLN A 272 0.84 12.53 -8.02
C GLN A 272 1.64 12.05 -9.21
N PHE A 273 1.27 12.53 -10.40
CA PHE A 273 1.87 12.05 -11.65
C PHE A 273 3.23 12.65 -11.95
N ASP A 274 3.54 13.77 -11.29
CA ASP A 274 4.91 14.34 -11.35
C ASP A 274 5.93 13.53 -10.51
N ILE A 275 5.47 12.90 -9.44
CA ILE A 275 6.35 12.15 -8.57
C ILE A 275 6.93 10.95 -9.33
N TYR A 276 6.10 10.26 -10.11
CA TYR A 276 6.57 9.13 -10.91
C TYR A 276 7.71 9.61 -11.80
N ARG A 277 7.48 10.73 -12.49
CA ARG A 277 8.48 11.38 -13.34
C ARG A 277 9.75 11.81 -12.62
N LEU A 278 9.59 12.43 -11.46
CA LEU A 278 10.75 12.81 -10.67
C LEU A 278 11.58 11.63 -10.18
N MET A 279 10.92 10.53 -9.81
CA MET A 279 11.61 9.31 -9.37
C MET A 279 12.43 8.75 -10.52
N LYS A 280 11.82 8.69 -11.71
CA LYS A 280 12.48 8.11 -12.88
C LYS A 280 13.67 8.94 -13.22
N LYS A 281 13.50 10.25 -13.26
CA LYS A 281 14.62 11.16 -13.53
C LYS A 281 15.72 10.98 -12.47
N GLU A 282 15.34 10.97 -11.20
CA GLU A 282 16.31 10.85 -10.09
C GLU A 282 17.05 9.48 -10.00
N ASN A 283 16.44 8.41 -10.52
CA ASN A 283 17.09 7.10 -10.53
C ASN A 283 17.43 6.59 -11.96
N ASN A 284 17.33 7.47 -12.95
CA ASN A 284 17.72 7.16 -14.32
C ASN A 284 17.04 5.94 -14.92
N ASN A 285 15.80 5.70 -14.50
CA ASN A 285 15.03 4.55 -14.96
C ASN A 285 15.68 3.21 -14.58
N ARG A 286 16.59 3.27 -13.61
CA ARG A 286 17.07 2.08 -12.93
C ARG A 286 16.26 1.91 -11.62
N TRP A 287 15.34 0.97 -11.62
CA TRP A 287 14.39 0.85 -10.48
C TRP A 287 14.79 -0.07 -9.35
N GLY A 288 15.89 -0.79 -9.53
CA GLY A 288 16.47 -1.66 -8.49
C GLY A 288 17.35 -0.89 -7.51
N GLU A 289 17.68 0.33 -7.90
CA GLU A 289 18.50 1.20 -7.08
C GLU A 289 17.78 1.64 -5.84
N TYR A 290 18.53 1.92 -4.78
CA TYR A 290 17.97 2.50 -3.57
C TYR A 290 18.02 4.03 -3.56
N HIS A 291 16.87 4.68 -3.59
CA HIS A 291 16.80 6.14 -3.60
C HIS A 291 15.73 6.56 -2.63
N PRO A 292 16.08 6.68 -1.32
CA PRO A 292 15.12 6.94 -0.22
C PRO A 292 14.51 8.30 -0.35
N TYR A 293 15.20 9.16 -1.10
CA TYR A 293 14.66 10.47 -1.44
C TYR A 293 13.30 10.33 -2.07
N SER A 294 13.04 9.20 -2.71
CA SER A 294 11.73 8.99 -3.33
C SER A 294 10.62 9.05 -2.29
N ASN A 295 10.89 8.57 -1.08
CA ASN A 295 9.96 8.63 0.04
C ASN A 295 9.68 10.07 0.45
N VAL A 296 10.67 10.92 0.27
CA VAL A 296 10.58 12.31 0.65
C VAL A 296 9.68 13.00 -0.38
N LEU A 297 9.86 12.63 -1.65
CA LEU A 297 9.01 13.14 -2.72
C LEU A 297 7.52 12.84 -2.50
N TRP A 298 7.22 11.61 -2.07
CA TRP A 298 5.87 11.19 -1.79
C TRP A 298 5.37 11.91 -0.57
N LEU A 299 6.23 12.10 0.44
CA LEU A 299 5.87 12.92 1.61
C LEU A 299 5.59 14.38 1.22
N HIS A 300 6.37 14.88 0.25
CA HIS A 300 6.12 16.23 -0.28
C HIS A 300 4.81 16.32 -1.04
N TYR A 301 4.57 15.36 -1.92
CA TYR A 301 3.20 15.19 -2.49
C TYR A 301 2.10 15.08 -1.41
N LEU A 302 2.34 14.31 -0.36
CA LEU A 302 1.32 14.17 0.70
C LEU A 302 1.09 15.47 1.50
N THR A 303 2.15 16.25 1.67
CA THR A 303 2.11 17.53 2.37
C THR A 303 1.37 18.55 1.55
N ASP A 304 1.59 18.55 0.24
CA ASP A 304 0.83 19.38 -0.68
C ASP A 304 -0.69 19.13 -0.54
N LYS A 305 -1.07 17.85 -0.58
CA LYS A 305 -2.46 17.43 -0.35
C LYS A 305 -3.03 18.05 0.94
N MET A 306 -2.36 17.84 2.07
CA MET A 306 -2.74 18.46 3.36
C MET A 306 -2.97 19.96 3.31
N LEU A 307 -2.09 20.69 2.62
CA LEU A 307 -2.21 22.14 2.52
C LEU A 307 -3.24 22.62 1.52
N LYS A 308 -3.41 21.87 0.42
CA LYS A 308 -4.20 22.38 -0.70
C LYS A 308 -5.58 21.76 -0.80
N GLN A 309 -5.73 20.54 -0.31
CA GLN A 309 -6.90 19.73 -0.61
C GLN A 309 -7.63 19.19 0.62
N MET A 310 -7.14 19.55 1.81
CA MET A 310 -7.87 19.17 3.02
C MET A 310 -8.82 20.28 3.44
N THR A 311 -10.07 19.91 3.67
CA THR A 311 -11.04 20.85 4.24
C THR A 311 -11.44 20.38 5.64
N PHE A 312 -10.95 21.11 6.64
CA PHE A 312 -11.02 20.70 8.02
C PHE A 312 -12.31 21.16 8.66
N LYS A 313 -12.79 20.36 9.63
CA LYS A 313 -13.99 20.68 10.39
C LYS A 313 -13.75 21.81 11.37
N THR A 314 -12.51 21.93 11.86
CA THR A 314 -12.14 23.07 12.70
C THR A 314 -11.32 24.05 11.87
N CYS A 316 -9.47 27.63 9.74
CA CYS A 316 -8.84 28.33 10.85
C CYS A 316 -9.74 29.44 11.39
N ASN A 317 -9.98 29.45 12.72
CA ASN A 317 -9.41 28.58 13.76
C ASN A 317 -8.66 29.42 14.81
N THR A 318 -7.62 28.86 15.41
CA THR A 318 -6.95 29.52 16.52
C THR A 318 -5.52 29.88 16.17
N PRO A 319 -4.99 30.95 16.78
CA PRO A 319 -3.56 31.23 16.68
C PRO A 319 -2.72 29.96 16.71
N ALA A 320 -3.17 28.96 17.48
CA ALA A 320 -2.46 27.70 17.64
C ALA A 320 -2.31 26.95 16.31
N MET A 321 -3.39 26.93 15.52
CA MET A 321 -3.47 26.12 14.29
C MET A 321 -2.90 26.89 13.10
N LYS A 322 -3.14 28.19 13.09
CA LYS A 322 -2.42 29.14 12.27
C LYS A 322 -0.94 28.80 12.30
N GLN A 323 -0.38 28.72 13.51
CA GLN A 323 1.05 28.40 13.67
C GLN A 323 1.42 27.06 13.03
N ILE A 324 0.62 26.02 13.32
CA ILE A 324 0.85 24.69 12.79
C ILE A 324 0.81 24.74 11.27
N LYS A 325 -0.24 25.39 10.76
CA LYS A 325 -0.32 25.72 9.34
C LYS A 325 1.01 26.30 8.86
N ARG A 326 1.47 27.41 9.49
CA ARG A 326 2.77 28.00 9.14
C ARG A 326 3.91 26.96 9.11
N LYS A 327 3.90 26.02 10.05
CA LYS A 327 4.93 24.97 10.14
C LYS A 327 4.89 23.87 9.05
N ILE A 328 3.70 23.51 8.61
CA ILE A 328 3.55 22.50 7.56
C ILE A 328 3.99 23.14 6.26
N GLN A 329 3.62 24.41 6.13
CA GLN A 329 4.06 25.25 5.03
C GLN A 329 5.58 25.42 4.99
N GLU A 330 6.23 25.76 6.10
CA GLU A 330 7.71 25.72 6.14
C GLU A 330 8.22 24.31 5.85
N PHE A 331 7.54 23.31 6.40
CA PHE A 331 7.90 21.88 6.16
C PHE A 331 7.89 21.60 4.67
N HIS A 332 6.82 22.04 4.02
CA HIS A 332 6.57 21.85 2.59
C HIS A 332 7.68 22.46 1.76
N ARG A 333 8.16 23.64 2.20
CA ARG A 333 9.18 24.42 1.47
C ARG A 333 10.61 23.94 1.72
N THR A 334 10.81 23.12 2.76
CA THR A 334 12.17 22.78 3.14
C THR A 334 12.47 21.29 3.04
N MET A 335 11.44 20.47 3.08
CA MET A 335 11.65 19.03 3.20
C MET A 335 12.44 18.42 2.08
N LEU A 336 12.43 19.04 0.90
CA LEU A 336 13.10 18.46 -0.26
C LEU A 336 14.61 18.58 -0.17
N ASN A 337 15.06 19.33 0.81
CA ASN A 337 16.44 19.52 1.12
C ASN A 337 16.93 18.54 2.19
N PHE A 338 16.34 17.33 2.23
CA PHE A 338 16.69 16.25 3.16
C PHE A 338 16.84 14.96 2.32
N SER A 339 17.59 13.99 2.79
CA SER A 339 17.94 12.91 1.88
C SER A 339 17.05 11.68 1.90
N SER A 340 16.13 11.58 2.86
CA SER A 340 15.39 10.37 3.15
C SER A 340 14.35 10.71 4.22
N ALA A 341 13.33 9.88 4.37
CA ALA A 341 12.37 10.01 5.48
C ALA A 341 13.11 9.90 6.80
N THR A 342 14.18 9.09 6.84
CA THR A 342 15.05 8.93 7.99
C THR A 342 15.75 10.25 8.33
N ASP A 343 16.25 10.97 7.32
CA ASP A 343 16.84 12.31 7.48
C ASP A 343 15.76 13.24 8.02
N LEU A 344 14.58 13.17 7.43
CA LEU A 344 13.50 14.06 7.80
C LEU A 344 13.00 13.87 9.23
N LEU A 345 12.70 12.64 9.56
CA LEU A 345 12.23 12.28 10.87
C LEU A 345 13.17 12.81 11.95
N CYS A 346 14.45 12.56 11.75
CA CYS A 346 15.46 12.77 12.76
C CYS A 346 15.94 14.22 12.83
N GLN A 347 15.76 14.96 11.74
CA GLN A 347 16.37 16.29 11.67
C GLN A 347 15.38 17.42 11.50
N HIS A 348 14.19 17.15 10.97
CA HIS A 348 13.28 18.24 10.68
C HIS A 348 12.65 18.79 11.92
N SER A 349 12.56 20.12 11.98
CA SER A 349 12.05 20.82 13.14
C SER A 349 10.59 20.52 13.35
N LEU A 350 9.91 20.03 12.30
CA LEU A 350 8.51 19.72 12.39
C LEU A 350 8.30 18.62 13.40
N PHE A 351 9.28 17.72 13.52
CA PHE A 351 9.11 16.56 14.38
C PHE A 351 9.80 16.66 15.75
N LYS A 352 10.22 17.86 16.13
CA LYS A 352 10.83 18.07 17.43
C LYS A 352 9.83 18.67 18.42
#